data_6C3R
#
_entry.id   6C3R
#
_cell.length_a   51.854
_cell.length_b   52.117
_cell.length_c   111.430
_cell.angle_alpha   90.000
_cell.angle_beta   90.000
_cell.angle_gamma   90.000
#
_symmetry.space_group_name_H-M   'P 21 21 21'
#
loop_
_entity.id
_entity.type
_entity.pdbx_description
1 polymer 'Cricket paralysis virus 1A protein'
2 water water
#
_entity_poly.entity_id   1
_entity_poly.type   'polypeptide(L)'
_entity_poly.pdbx_seq_one_letter_code
;INSLEELAAQELIAAQFEGNLDGFFCTFYVQSKPQLLDLESECYCMDDFDCGCDRIKREEELRKLIFLTSDVYGYNFEEW
KGLVWKFVQNYCPEHRYGSTFGNGLLIVSPRFFMDHLDWFQQWKLVSSNDECRAFLRKRTQ
;
_entity_poly.pdbx_strand_id   A,B
#
# COMPACT_ATOMS: atom_id res chain seq x y z
N ILE A 1 37.68 8.39 -3.04
CA ILE A 1 37.49 6.97 -2.60
C ILE A 1 36.02 6.55 -2.56
N ASN A 2 35.14 7.51 -2.23
CA ASN A 2 33.69 7.30 -2.28
C ASN A 2 33.21 7.26 -3.73
N SER A 3 33.54 8.30 -4.50
CA SER A 3 33.34 8.31 -5.95
C SER A 3 34.11 7.17 -6.62
N LEU A 4 35.36 7.01 -6.22
CA LEU A 4 36.22 6.00 -6.83
C LEU A 4 35.63 4.59 -6.68
N GLU A 5 35.13 4.26 -5.50
CA GLU A 5 34.51 2.95 -5.30
C GLU A 5 33.12 2.85 -5.94
N GLU A 6 32.33 3.95 -5.85
CA GLU A 6 31.04 4.07 -6.54
C GLU A 6 31.15 3.92 -8.06
N LEU A 7 32.21 4.49 -8.63
CA LEU A 7 32.44 4.46 -10.08
C LEU A 7 32.64 3.04 -10.60
N ALA A 8 33.49 2.25 -9.93
CA ALA A 8 33.74 0.86 -10.31
C ALA A 8 32.47 0.01 -10.30
N ALA A 9 31.66 0.13 -9.25
CA ALA A 9 30.35 -0.55 -9.19
C ALA A 9 29.39 -0.12 -10.31
N GLN A 10 29.39 1.17 -10.63
CA GLN A 10 28.48 1.74 -11.65
C GLN A 10 28.90 1.31 -13.05
N GLU A 11 30.19 1.08 -13.20
CA GLU A 11 30.79 0.55 -14.40
C GLU A 11 30.45 -0.93 -14.48
N LEU A 12 30.56 -1.60 -13.34
CA LEU A 12 30.22 -3.01 -13.18
C LEU A 12 28.72 -3.32 -13.39
N ILE A 13 27.86 -2.40 -13.00
CA ILE A 13 26.42 -2.50 -13.28
C ILE A 13 26.16 -2.41 -14.77
N ALA A 14 26.89 -1.52 -15.44
CA ALA A 14 26.74 -1.35 -16.88
C ALA A 14 27.22 -2.60 -17.58
N ALA A 15 28.43 -3.03 -17.23
CA ALA A 15 29.04 -4.20 -17.83
C ALA A 15 28.20 -5.45 -17.66
N GLN A 16 27.93 -5.83 -16.41
CA GLN A 16 27.36 -7.17 -16.14
C GLN A 16 25.92 -7.25 -15.71
N PHE A 17 25.28 -6.11 -15.43
CA PHE A 17 23.89 -6.10 -14.95
C PHE A 17 23.00 -5.29 -15.89
N GLU A 18 23.49 -5.07 -17.11
CA GLU A 18 22.71 -4.43 -18.18
C GLU A 18 22.14 -3.08 -17.73
N GLY A 19 22.95 -2.32 -16.99
CA GLY A 19 22.62 -0.98 -16.55
C GLY A 19 21.61 -0.81 -15.44
N ASN A 20 21.16 -1.88 -14.80
CA ASN A 20 20.12 -1.74 -13.77
C ASN A 20 20.07 -2.89 -12.77
N LEU A 21 19.44 -2.59 -11.63
CA LEU A 21 19.18 -3.59 -10.61
C LEU A 21 17.70 -3.64 -10.31
N ASP A 22 16.89 -3.66 -11.36
CA ASP A 22 15.46 -3.85 -11.19
C ASP A 22 15.17 -5.32 -10.88
N GLY A 23 14.41 -5.56 -9.82
CA GLY A 23 13.86 -6.87 -9.49
C GLY A 23 12.35 -6.81 -9.46
N PHE A 24 11.76 -7.59 -8.56
CA PHE A 24 10.32 -7.76 -8.47
C PHE A 24 9.62 -6.64 -7.68
N PHE A 25 9.04 -5.68 -8.41
CA PHE A 25 8.42 -4.46 -7.84
C PHE A 25 9.35 -3.70 -6.89
N CYS A 26 10.64 -3.81 -7.15
CA CYS A 26 11.65 -3.17 -6.33
C CYS A 26 12.97 -3.16 -7.07
N THR A 27 13.66 -2.03 -7.03
CA THR A 27 14.99 -1.89 -7.60
C THR A 27 15.99 -1.33 -6.57
N PHE A 28 17.26 -1.68 -6.73
CA PHE A 28 18.34 -1.18 -5.89
C PHE A 28 19.14 -0.14 -6.66
N TYR A 29 19.63 0.88 -5.95
CA TYR A 29 20.61 1.83 -6.48
C TYR A 29 21.85 1.63 -5.65
N VAL A 30 23.01 1.99 -6.21
CA VAL A 30 24.31 1.80 -5.56
C VAL A 30 25.06 3.13 -5.42
N GLN A 31 25.00 3.73 -4.25
CA GLN A 31 25.53 5.07 -4.02
C GLN A 31 26.30 5.17 -2.72
N SER A 32 27.37 5.97 -2.75
CA SER A 32 28.19 6.18 -1.56
C SER A 32 27.52 7.10 -0.55
N LYS A 33 26.88 8.15 -1.04
CA LYS A 33 26.32 9.19 -0.17
C LYS A 33 24.93 9.58 -0.70
N PRO A 34 23.92 8.75 -0.38
CA PRO A 34 22.59 8.97 -0.92
C PRO A 34 21.89 10.13 -0.25
N GLN A 35 20.99 10.77 -0.99
CA GLN A 35 20.26 11.93 -0.49
C GLN A 35 18.95 11.43 0.11
N LEU A 36 19.06 10.75 1.25
CA LEU A 36 17.92 10.02 1.84
C LEU A 36 16.79 10.91 2.30
N LEU A 37 17.10 12.18 2.55
CA LEU A 37 16.10 13.16 2.94
C LEU A 37 15.23 13.55 1.74
N ASP A 38 15.80 13.53 0.53
CA ASP A 38 15.02 13.72 -0.71
C ASP A 38 14.00 12.61 -0.97
N LEU A 39 14.22 11.44 -0.35
CA LEU A 39 13.28 10.31 -0.42
C LEU A 39 12.27 10.22 0.75
N GLU A 40 12.19 11.25 1.58
CA GLU A 40 11.25 11.30 2.71
C GLU A 40 10.03 12.19 2.44
N SER A 41 9.06 12.09 3.35
CA SER A 41 7.82 12.86 3.31
C SER A 41 7.62 13.52 4.65
N GLU A 42 6.69 14.47 4.71
CA GLU A 42 6.17 14.96 5.98
C GLU A 42 4.70 14.60 5.96
N CYS A 43 4.24 13.84 6.96
CA CYS A 43 2.91 13.23 6.91
C CYS A 43 2.19 13.14 8.25
N TYR A 44 1.03 13.81 8.33
CA TYR A 44 0.19 13.81 9.52
C TYR A 44 -1.21 13.42 9.11
N CYS A 45 -1.77 12.40 9.74
CA CYS A 45 -3.23 12.25 9.79
C CYS A 45 -3.68 13.06 11.00
N MET A 46 -4.75 13.85 10.86
CA MET A 46 -5.34 14.52 12.03
C MET A 46 -6.48 13.67 12.62
N ASP A 47 -6.88 14.05 13.84
CA ASP A 47 -8.00 13.43 14.58
C ASP A 47 -7.85 11.93 14.90
N ASP A 48 -6.59 11.46 14.98
CA ASP A 48 -6.30 10.09 15.41
C ASP A 48 -6.97 9.01 14.54
N PHE A 49 -6.48 8.88 13.30
CA PHE A 49 -6.94 7.84 12.37
C PHE A 49 -5.80 7.35 11.50
N ASP A 50 -5.64 6.03 11.37
CA ASP A 50 -4.59 5.49 10.49
C ASP A 50 -4.98 5.76 9.05
N CYS A 51 -4.43 6.85 8.53
CA CYS A 51 -4.64 7.25 7.16
C CYS A 51 -3.64 6.55 6.23
N GLY A 52 -2.50 6.12 6.78
CA GLY A 52 -1.45 5.49 5.99
C GLY A 52 -0.10 6.17 6.01
N CYS A 53 0.05 7.23 6.80
CA CYS A 53 1.33 7.90 6.97
C CYS A 53 2.34 6.99 7.66
N ASP A 54 1.86 6.15 8.58
CA ASP A 54 2.71 5.19 9.27
C ASP A 54 3.39 4.26 8.30
N ARG A 55 2.60 3.69 7.39
CA ARG A 55 3.11 2.82 6.32
C ARG A 55 4.27 3.52 5.59
N ILE A 56 4.06 4.78 5.22
CA ILE A 56 5.09 5.65 4.62
C ILE A 56 6.32 5.74 5.52
N LYS A 57 6.10 6.12 6.78
CA LYS A 57 7.22 6.38 7.70
C LYS A 57 8.08 5.14 7.97
N ARG A 58 7.40 4.02 8.19
CA ARG A 58 8.04 2.71 8.23
C ARG A 58 8.91 2.38 7.00
N GLU A 59 8.41 2.66 5.79
CA GLU A 59 9.15 2.44 4.56
C GLU A 59 10.47 3.25 4.54
N GLU A 60 10.40 4.53 4.90
CA GLU A 60 11.57 5.42 4.98
C GLU A 60 12.61 4.94 6.00
N GLU A 61 12.12 4.50 7.15
CA GLU A 61 12.94 4.00 8.25
C GLU A 61 13.77 2.79 7.80
N LEU A 62 13.09 1.86 7.12
CA LEU A 62 13.69 0.66 6.61
C LEU A 62 14.67 0.88 5.45
N ARG A 63 14.33 1.76 4.51
CA ARG A 63 15.27 2.13 3.46
C ARG A 63 16.57 2.67 4.09
N LYS A 64 16.42 3.45 5.15
CA LYS A 64 17.56 4.06 5.83
C LYS A 64 18.45 2.99 6.47
N LEU A 65 17.82 2.06 7.17
CA LEU A 65 18.54 0.98 7.83
C LEU A 65 19.20 0.07 6.84
N ILE A 66 18.51 -0.20 5.72
CA ILE A 66 19.06 -1.07 4.70
C ILE A 66 20.30 -0.44 4.13
N PHE A 67 20.34 0.89 4.04
CA PHE A 67 21.55 1.53 3.58
C PHE A 67 22.61 1.58 4.66
N LEU A 68 22.25 2.09 5.83
CA LEU A 68 23.25 2.28 6.88
C LEU A 68 23.90 0.97 7.27
N THR A 69 23.13 -0.11 7.33
CA THR A 69 23.69 -1.42 7.66
C THR A 69 24.57 -1.96 6.53
N SER A 70 24.27 -1.59 5.29
CA SER A 70 25.13 -1.89 4.14
C SER A 70 26.44 -1.11 4.09
N ASP A 71 26.46 0.08 4.70
CA ASP A 71 27.58 1.02 4.64
C ASP A 71 28.66 0.77 5.71
N VAL A 72 28.71 -0.44 6.26
CA VAL A 72 29.73 -0.87 7.21
C VAL A 72 30.17 -2.29 6.88
N TYR A 73 31.38 -2.60 7.33
CA TYR A 73 31.97 -3.92 7.13
C TYR A 73 31.35 -4.94 8.08
N GLY A 74 30.81 -6.02 7.53
CA GLY A 74 30.55 -7.22 8.32
C GLY A 74 29.21 -7.36 9.02
N TYR A 75 28.24 -6.52 8.68
CA TYR A 75 26.92 -6.63 9.23
C TYR A 75 26.38 -8.01 8.92
N ASN A 76 25.58 -8.53 9.82
CA ASN A 76 24.97 -9.82 9.66
C ASN A 76 24.09 -9.87 8.40
N PHE A 77 24.55 -10.60 7.38
CA PHE A 77 23.90 -10.58 6.06
C PHE A 77 22.46 -11.13 6.02
N GLU A 78 22.13 -12.00 6.98
CA GLU A 78 20.80 -12.59 7.05
C GLU A 78 19.84 -11.65 7.75
N GLU A 79 20.37 -10.95 8.73
CA GLU A 79 19.62 -9.87 9.36
C GLU A 79 19.41 -8.71 8.42
N TRP A 80 20.37 -8.43 7.57
CA TRP A 80 20.19 -7.46 6.52
C TRP A 80 19.05 -7.89 5.60
N LYS A 81 19.05 -9.15 5.19
CA LYS A 81 18.00 -9.66 4.33
C LYS A 81 16.63 -9.57 4.94
N GLY A 82 16.54 -9.84 6.24
CA GLY A 82 15.26 -9.72 6.95
C GLY A 82 14.72 -8.30 6.88
N LEU A 83 15.59 -7.29 6.94
CA LEU A 83 15.17 -5.90 6.77
C LEU A 83 14.62 -5.67 5.38
N VAL A 84 15.29 -6.18 4.36
CA VAL A 84 14.77 -6.09 3.02
C VAL A 84 13.38 -6.74 2.94
N TRP A 85 13.23 -7.89 3.59
CA TRP A 85 11.96 -8.61 3.60
C TRP A 85 10.84 -7.80 4.24
N LYS A 86 11.14 -7.13 5.35
CA LYS A 86 10.20 -6.20 5.97
C LYS A 86 9.82 -5.01 5.09
N PHE A 87 10.79 -4.47 4.36
CA PHE A 87 10.53 -3.44 3.37
C PHE A 87 9.59 -3.98 2.30
N VAL A 88 9.97 -5.09 1.70
CA VAL A 88 9.17 -5.78 0.70
C VAL A 88 7.74 -6.05 1.22
N GLN A 89 7.60 -6.56 2.44
CA GLN A 89 6.28 -6.73 3.05
C GLN A 89 5.50 -5.40 3.12
N ASN A 90 6.17 -4.36 3.59
CA ASN A 90 5.52 -3.07 3.73
C ASN A 90 5.28 -2.33 2.40
N TYR A 91 6.02 -2.67 1.36
CA TYR A 91 5.79 -2.01 0.07
C TYR A 91 4.43 -2.40 -0.52
N CYS A 92 3.83 -1.47 -1.25
CA CYS A 92 2.49 -1.59 -1.77
C CYS A 92 2.53 -0.89 -3.12
N PRO A 93 2.66 -1.66 -4.23
CA PRO A 93 3.03 -1.07 -5.54
C PRO A 93 2.07 -0.02 -6.10
N GLU A 94 2.54 1.24 -6.23
CA GLU A 94 1.69 2.37 -6.71
C GLU A 94 1.29 2.16 -8.16
N HIS A 95 0.30 1.30 -8.33
CA HIS A 95 -0.15 0.83 -9.62
C HIS A 95 -1.15 1.87 -10.15
N ARG A 96 -0.70 2.60 -11.17
CA ARG A 96 -1.42 3.78 -11.65
C ARG A 96 -2.62 3.28 -12.45
N TYR A 97 -3.82 3.71 -12.04
CA TYR A 97 -5.08 3.06 -12.42
C TYR A 97 -5.17 2.61 -13.89
N GLY A 98 -5.48 1.32 -14.09
CA GLY A 98 -5.53 0.69 -15.42
C GLY A 98 -4.94 -0.71 -15.35
N SER A 99 -3.68 -0.85 -15.76
CA SER A 99 -2.89 -2.05 -15.52
C SER A 99 -1.39 -1.75 -15.29
N THR A 100 -1.08 -0.55 -14.81
CA THR A 100 0.30 -0.07 -14.65
C THR A 100 0.83 -0.48 -13.28
N PHE A 101 2.15 -0.57 -13.12
CA PHE A 101 2.80 -0.88 -11.82
C PHE A 101 4.18 -0.20 -11.69
N GLY A 102 4.60 0.09 -10.45
CA GLY A 102 5.88 0.78 -10.14
C GLY A 102 6.81 -0.02 -9.21
N ASN A 103 8.00 0.51 -8.93
CA ASN A 103 9.05 -0.22 -8.19
C ASN A 103 9.49 0.50 -6.90
N GLY A 104 9.55 -0.22 -5.79
CA GLY A 104 10.08 0.34 -4.54
C GLY A 104 11.56 0.65 -4.68
N LEU A 105 12.05 1.67 -3.99
CA LEU A 105 13.43 2.08 -4.11
C LEU A 105 14.24 1.74 -2.87
N LEU A 106 15.36 1.03 -3.07
CA LEU A 106 16.34 0.77 -2.02
C LEU A 106 17.72 1.15 -2.46
N ILE A 107 18.58 1.47 -1.48
CA ILE A 107 19.92 1.93 -1.74
C ILE A 107 20.92 1.19 -0.86
N VAL A 108 22.05 0.87 -1.45
CA VAL A 108 23.07 0.08 -0.81
C VAL A 108 24.40 0.73 -1.16
N SER A 109 25.41 0.66 -0.29
CA SER A 109 26.73 1.18 -0.63
C SER A 109 27.43 0.32 -1.73
N PRO A 110 28.45 0.88 -2.42
CA PRO A 110 29.23 0.14 -3.40
C PRO A 110 30.05 -1.03 -2.88
N ARG A 111 30.60 -0.90 -1.70
CA ARG A 111 31.38 -1.98 -1.12
C ARG A 111 30.46 -3.20 -0.92
N PHE A 112 29.26 -2.95 -0.44
CA PHE A 112 28.30 -4.00 -0.14
C PHE A 112 27.79 -4.69 -1.40
N PHE A 113 27.46 -3.89 -2.41
CA PHE A 113 27.07 -4.38 -3.73
C PHE A 113 28.11 -5.30 -4.33
N MET A 114 29.38 -4.91 -4.21
CA MET A 114 30.47 -5.68 -4.79
C MET A 114 30.98 -6.81 -3.93
N ASP A 115 30.64 -6.85 -2.64
CA ASP A 115 30.79 -8.10 -1.87
C ASP A 115 29.67 -9.11 -2.13
N HIS A 116 28.63 -8.75 -2.89
CA HIS A 116 27.43 -9.59 -3.05
C HIS A 116 26.88 -9.58 -4.48
N LEU A 117 27.78 -9.59 -5.47
CA LEU A 117 27.38 -9.54 -6.88
C LEU A 117 26.43 -10.67 -7.30
N ASP A 118 26.77 -11.89 -6.93
CA ASP A 118 25.92 -13.03 -7.26
C ASP A 118 24.53 -12.83 -6.69
N TRP A 119 24.46 -12.40 -5.43
CA TRP A 119 23.17 -12.16 -4.77
C TRP A 119 22.33 -11.13 -5.51
N PHE A 120 22.92 -10.01 -5.91
CA PHE A 120 22.19 -8.97 -6.66
C PHE A 120 21.77 -9.37 -8.06
N GLN A 121 22.51 -10.31 -8.64
CA GLN A 121 22.18 -10.91 -9.92
C GLN A 121 20.93 -11.83 -9.78
N GLN A 122 20.83 -12.58 -8.68
CA GLN A 122 19.65 -13.36 -8.42
C GLN A 122 18.43 -12.52 -8.04
N TRP A 123 18.63 -11.54 -7.17
CA TRP A 123 17.61 -10.53 -6.91
C TRP A 123 16.84 -10.13 -8.17
N LYS A 124 17.53 -9.93 -9.29
CA LYS A 124 16.91 -9.46 -10.54
C LYS A 124 15.93 -10.44 -11.17
N LEU A 125 16.11 -11.73 -10.88
CA LEU A 125 15.32 -12.78 -11.48
C LEU A 125 14.11 -13.23 -10.67
N VAL A 126 13.88 -12.63 -9.50
CA VAL A 126 12.73 -12.96 -8.65
C VAL A 126 11.46 -12.61 -9.41
N SER A 127 10.52 -13.56 -9.45
CA SER A 127 9.30 -13.46 -10.29
C SER A 127 7.97 -13.55 -9.53
N SER A 128 8.00 -13.74 -8.21
CA SER A 128 6.79 -13.87 -7.42
C SER A 128 7.02 -13.48 -5.97
N ASN A 129 5.92 -13.29 -5.25
CA ASN A 129 5.96 -13.18 -3.78
C ASN A 129 6.57 -14.42 -3.13
N ASP A 130 6.17 -15.58 -3.62
CA ASP A 130 6.55 -16.84 -3.01
C ASP A 130 8.04 -17.12 -3.18
N GLU A 131 8.57 -16.81 -4.36
CA GLU A 131 10.02 -16.88 -4.61
C GLU A 131 10.79 -15.88 -3.76
N CYS A 132 10.29 -14.65 -3.72
CA CYS A 132 10.82 -13.59 -2.89
C CYS A 132 10.94 -13.95 -1.41
N ARG A 133 9.91 -14.55 -0.85
CA ARG A 133 9.94 -14.99 0.54
C ARG A 133 11.03 -16.03 0.78
N ALA A 134 11.20 -16.94 -0.17
CA ALA A 134 12.21 -17.98 -0.05
C ALA A 134 13.62 -17.42 -0.17
N PHE A 135 13.78 -16.56 -1.16
CA PHE A 135 15.03 -15.84 -1.39
C PHE A 135 15.52 -15.03 -0.20
N LEU A 136 14.62 -14.32 0.44
CA LEU A 136 14.97 -13.50 1.63
C LEU A 136 14.88 -14.19 3.01
N ARG A 137 14.52 -15.48 3.06
CA ARG A 137 14.42 -16.18 4.35
C ARG A 137 15.76 -16.24 5.06
N LYS A 138 15.73 -15.99 6.37
CA LYS A 138 16.93 -15.94 7.18
C LYS A 138 17.53 -17.32 7.42
N ARG A 139 18.33 -17.78 6.47
CA ARG A 139 19.19 -18.95 6.66
C ARG A 139 20.19 -18.71 7.81
N THR A 140 20.78 -19.79 8.33
CA THR A 140 21.83 -19.64 9.34
C THR A 140 23.15 -19.14 8.73
N GLN A 141 23.55 -19.73 7.61
CA GLN A 141 24.83 -19.45 6.96
C GLN A 141 24.65 -19.39 5.45
N ILE B 1 -31.62 16.34 13.68
CA ILE B 1 -32.65 16.39 12.59
C ILE B 1 -32.69 15.12 11.73
N ASN B 2 -31.59 14.80 11.05
CA ASN B 2 -31.50 13.68 10.08
C ASN B 2 -30.98 12.36 10.69
N SER B 3 -30.97 12.28 12.02
CA SER B 3 -30.58 11.04 12.72
C SER B 3 -31.55 9.91 12.42
N LEU B 4 -32.84 10.24 12.35
CA LEU B 4 -33.92 9.27 12.09
C LEU B 4 -33.56 8.18 11.07
N GLU B 5 -32.95 8.62 9.97
CA GLU B 5 -32.54 7.74 8.87
C GLU B 5 -31.36 6.88 9.28
N GLU B 6 -30.39 7.47 9.98
CA GLU B 6 -29.20 6.75 10.46
C GLU B 6 -29.56 5.64 11.42
N LEU B 7 -30.42 5.96 12.39
CA LEU B 7 -30.89 5.00 13.38
C LEU B 7 -31.69 3.87 12.72
N ALA B 8 -32.57 4.21 11.79
CA ALA B 8 -33.22 3.16 11.00
C ALA B 8 -32.18 2.23 10.37
N ALA B 9 -31.05 2.78 9.93
CA ALA B 9 -29.91 1.97 9.45
C ALA B 9 -29.19 1.19 10.57
N GLN B 10 -28.81 1.89 11.64
CA GLN B 10 -28.12 1.26 12.80
C GLN B 10 -28.93 0.12 13.41
N GLU B 11 -30.25 0.27 13.38
CA GLU B 11 -31.17 -0.76 13.86
C GLU B 11 -31.14 -1.98 12.94
N LEU B 12 -31.13 -1.75 11.63
CA LEU B 12 -31.03 -2.82 10.65
C LEU B 12 -29.67 -3.49 10.64
N ILE B 13 -28.62 -2.74 10.97
CA ILE B 13 -27.27 -3.28 11.04
C ILE B 13 -27.21 -4.26 12.21
N ALA B 14 -27.55 -3.77 13.39
CA ALA B 14 -27.66 -4.62 14.61
C ALA B 14 -28.62 -5.80 14.41
N ALA B 15 -29.81 -5.53 13.87
CA ALA B 15 -30.86 -6.54 13.71
C ALA B 15 -30.53 -7.63 12.68
N GLN B 16 -30.21 -7.22 11.45
CA GLN B 16 -30.07 -8.17 10.33
C GLN B 16 -28.66 -8.41 9.79
N PHE B 17 -27.67 -7.64 10.23
CA PHE B 17 -26.29 -7.76 9.71
C PHE B 17 -25.25 -8.16 10.78
N GLU B 18 -25.71 -8.76 11.87
CA GLU B 18 -24.83 -9.10 13.01
C GLU B 18 -24.11 -7.88 13.63
N GLY B 19 -24.65 -6.67 13.41
CA GLY B 19 -24.09 -5.42 13.94
C GLY B 19 -22.81 -4.86 13.33
N ASN B 20 -22.58 -5.15 12.05
CA ASN B 20 -21.41 -4.65 11.34
C ASN B 20 -21.56 -4.82 9.84
N LEU B 21 -20.67 -4.19 9.08
CA LEU B 21 -20.59 -4.37 7.62
C LEU B 21 -19.12 -4.61 7.19
N ASP B 22 -18.49 -5.56 7.86
CA ASP B 22 -17.14 -5.98 7.54
C ASP B 22 -17.16 -6.90 6.34
N GLY B 23 -16.19 -6.74 5.46
CA GLY B 23 -16.03 -7.59 4.27
C GLY B 23 -14.58 -7.98 4.13
N PHE B 24 -14.16 -8.23 2.89
CA PHE B 24 -12.79 -8.66 2.60
C PHE B 24 -11.79 -7.48 2.67
N PHE B 25 -11.11 -7.34 3.81
CA PHE B 25 -10.17 -6.24 4.10
C PHE B 25 -10.76 -4.83 3.96
N CYS B 26 -12.06 -4.70 4.19
CA CYS B 26 -12.71 -3.41 4.05
C CYS B 26 -14.02 -3.42 4.79
N THR B 27 -14.42 -2.26 5.30
CA THR B 27 -15.61 -2.12 6.15
C THR B 27 -16.44 -0.93 5.73
N PHE B 28 -17.75 -1.12 5.70
CA PHE B 28 -18.69 0.00 5.50
C PHE B 28 -19.28 0.53 6.81
N TYR B 29 -19.33 1.86 6.94
CA TYR B 29 -20.16 2.52 7.93
C TYR B 29 -21.32 3.17 7.21
N VAL B 30 -22.36 3.50 7.96
CA VAL B 30 -23.52 4.23 7.45
C VAL B 30 -23.74 5.52 8.28
N GLN B 31 -23.56 6.68 7.63
CA GLN B 31 -23.56 7.99 8.29
C GLN B 31 -24.19 9.05 7.40
N SER B 32 -25.06 9.89 7.99
CA SER B 32 -25.82 10.89 7.26
C SER B 32 -24.94 12.07 6.90
N LYS B 33 -24.13 12.49 7.86
CA LYS B 33 -23.22 13.59 7.69
C LYS B 33 -21.91 13.11 8.26
N PRO B 34 -21.15 12.31 7.48
CA PRO B 34 -19.87 11.84 7.98
C PRO B 34 -18.87 12.98 8.13
N GLN B 35 -17.95 12.80 9.07
CA GLN B 35 -16.92 13.79 9.33
C GLN B 35 -15.70 13.32 8.53
N LEU B 36 -15.83 13.35 7.20
CA LEU B 36 -14.78 12.88 6.29
C LEU B 36 -13.50 13.67 6.45
N LEU B 37 -13.63 14.94 6.81
CA LEU B 37 -12.48 15.80 7.07
C LEU B 37 -11.64 15.32 8.28
N ASP B 38 -12.29 14.65 9.25
CA ASP B 38 -11.58 13.90 10.33
C ASP B 38 -10.69 12.81 9.72
N LEU B 39 -11.25 12.04 8.77
CA LEU B 39 -10.53 10.96 8.05
C LEU B 39 -9.68 11.52 6.90
N GLU B 40 -8.57 12.15 7.23
CA GLU B 40 -7.78 12.91 6.26
C GLU B 40 -6.30 12.91 6.60
N SER B 41 -5.49 13.34 5.62
CA SER B 41 -4.10 13.71 5.85
C SER B 41 -3.78 15.02 5.16
N GLU B 42 -2.72 15.65 5.67
CA GLU B 42 -2.04 16.71 4.95
C GLU B 42 -0.60 16.22 4.84
N CYS B 43 -0.25 15.63 3.69
CA CYS B 43 1.14 15.24 3.47
C CYS B 43 1.70 15.34 2.06
N TYR B 44 3.01 15.61 2.03
CA TYR B 44 3.74 15.90 0.80
C TYR B 44 5.07 15.17 0.80
N CYS B 45 5.59 14.95 -0.40
CA CYS B 45 6.92 14.44 -0.66
C CYS B 45 7.92 15.60 -0.68
N MET B 46 9.14 15.33 -1.12
CA MET B 46 10.18 16.35 -1.28
C MET B 46 10.54 16.50 -2.74
N ASP B 47 11.08 15.44 -3.31
CA ASP B 47 11.63 15.43 -4.66
C ASP B 47 10.46 15.28 -5.66
N ASP B 48 10.76 15.29 -6.96
CA ASP B 48 9.85 14.68 -7.94
C ASP B 48 9.42 13.25 -7.51
N PHE B 49 10.36 12.53 -6.89
CA PHE B 49 10.12 11.23 -6.19
C PHE B 49 8.73 11.01 -5.57
N ASP B 50 8.05 9.96 -6.04
CA ASP B 50 6.80 9.53 -5.44
C ASP B 50 7.10 8.81 -4.12
N CYS B 51 6.79 9.48 -3.02
CA CYS B 51 6.98 8.96 -1.66
C CYS B 51 5.77 8.20 -1.09
N GLY B 52 4.69 8.06 -1.84
CA GLY B 52 3.50 7.34 -1.36
C GLY B 52 2.33 8.21 -0.91
N CYS B 53 2.50 9.54 -0.95
CA CYS B 53 1.40 10.45 -0.68
C CYS B 53 0.26 10.35 -1.70
N ASP B 54 0.60 10.16 -2.97
CA ASP B 54 -0.37 10.03 -4.05
C ASP B 54 -1.42 8.96 -3.77
N ARG B 55 -0.99 7.82 -3.26
CA ARG B 55 -1.92 6.75 -2.94
C ARG B 55 -2.91 7.15 -1.83
N ILE B 56 -2.47 7.93 -0.85
CA ILE B 56 -3.36 8.36 0.25
C ILE B 56 -4.39 9.39 -0.21
N LYS B 57 -3.91 10.39 -0.94
CA LYS B 57 -4.77 11.40 -1.53
C LYS B 57 -5.86 10.77 -2.40
N ARG B 58 -5.46 9.78 -3.20
CA ARG B 58 -6.38 9.02 -4.04
C ARG B 58 -7.43 8.28 -3.22
N GLU B 59 -7.01 7.73 -2.09
CA GLU B 59 -7.88 6.96 -1.19
C GLU B 59 -9.02 7.84 -0.64
N GLU B 60 -8.65 8.98 -0.07
CA GLU B 60 -9.57 10.01 0.41
C GLU B 60 -10.51 10.51 -0.69
N GLU B 61 -9.92 10.86 -1.82
CA GLU B 61 -10.66 11.30 -2.97
C GLU B 61 -11.76 10.28 -3.32
N LEU B 62 -11.39 9.00 -3.37
CA LEU B 62 -12.36 7.95 -3.73
C LEU B 62 -13.35 7.68 -2.63
N ARG B 63 -12.89 7.72 -1.38
CA ARG B 63 -13.77 7.53 -0.24
C ARG B 63 -14.87 8.57 -0.24
N LYS B 64 -14.48 9.81 -0.50
CA LYS B 64 -15.40 10.93 -0.48
C LYS B 64 -16.42 10.84 -1.61
N LEU B 65 -15.97 10.55 -2.83
CA LEU B 65 -16.84 10.28 -3.98
C LEU B 65 -17.78 9.13 -3.75
N ILE B 66 -17.28 8.09 -3.10
CA ILE B 66 -18.07 6.92 -2.80
C ILE B 66 -19.23 7.32 -1.89
N PHE B 67 -18.96 8.23 -0.96
CA PHE B 67 -20.03 8.73 -0.11
C PHE B 67 -20.98 9.69 -0.82
N LEU B 68 -20.41 10.69 -1.49
CA LEU B 68 -21.20 11.74 -2.10
C LEU B 68 -22.16 11.17 -3.14
N THR B 69 -21.70 10.21 -3.93
CA THR B 69 -22.53 9.62 -4.97
C THR B 69 -23.60 8.68 -4.38
N SER B 70 -23.36 8.18 -3.17
CA SER B 70 -24.38 7.42 -2.39
C SER B 70 -25.41 8.36 -1.76
N ASP B 71 -25.04 9.60 -1.53
CA ASP B 71 -25.92 10.56 -0.88
C ASP B 71 -26.97 11.26 -1.81
N VAL B 72 -27.28 10.69 -2.97
CA VAL B 72 -28.32 11.19 -3.85
C VAL B 72 -29.04 10.01 -4.45
N TYR B 73 -30.24 10.24 -4.99
CA TYR B 73 -31.01 9.17 -5.60
C TYR B 73 -30.58 8.97 -7.02
N GLY B 74 -30.54 7.72 -7.47
CA GLY B 74 -30.45 7.40 -8.91
C GLY B 74 -29.07 7.49 -9.56
N TYR B 75 -28.01 7.40 -8.78
CA TYR B 75 -26.67 7.39 -9.37
C TYR B 75 -26.43 6.05 -10.04
N ASN B 76 -25.61 6.08 -11.08
CA ASN B 76 -25.34 4.87 -11.82
C ASN B 76 -24.64 3.92 -10.88
N PHE B 77 -25.39 2.91 -10.46
CA PHE B 77 -24.87 1.88 -9.53
C PHE B 77 -23.63 1.16 -10.06
N GLU B 78 -23.61 0.79 -11.34
CA GLU B 78 -22.40 0.17 -11.92
C GLU B 78 -21.20 1.10 -11.79
N GLU B 79 -21.37 2.37 -12.09
CA GLU B 79 -20.30 3.36 -11.94
C GLU B 79 -19.93 3.58 -10.48
N TRP B 80 -20.92 3.59 -9.59
CA TRP B 80 -20.66 3.62 -8.14
C TRP B 80 -19.77 2.46 -7.73
N LYS B 81 -20.09 1.26 -8.19
CA LYS B 81 -19.26 0.08 -7.92
C LYS B 81 -17.87 0.24 -8.52
N GLY B 82 -17.76 0.84 -9.69
CA GLY B 82 -16.48 1.14 -10.27
C GLY B 82 -15.56 1.94 -9.38
N LEU B 83 -16.12 2.86 -8.61
CA LEU B 83 -15.34 3.64 -7.63
C LEU B 83 -14.86 2.77 -6.50
N VAL B 84 -15.72 1.86 -6.06
CA VAL B 84 -15.36 0.94 -5.02
C VAL B 84 -14.19 0.07 -5.45
N TRP B 85 -14.20 -0.41 -6.69
CA TRP B 85 -13.09 -1.19 -7.24
C TRP B 85 -11.78 -0.42 -7.22
N LYS B 86 -11.80 0.80 -7.74
CA LYS B 86 -10.61 1.66 -7.71
C LYS B 86 -10.10 1.88 -6.28
N PHE B 87 -11.00 2.00 -5.32
CA PHE B 87 -10.62 2.12 -3.91
C PHE B 87 -9.91 0.85 -3.40
N VAL B 88 -10.52 -0.29 -3.64
CA VAL B 88 -9.96 -1.61 -3.28
C VAL B 88 -8.60 -1.85 -3.95
N GLN B 89 -8.54 -1.59 -5.25
CA GLN B 89 -7.28 -1.61 -5.99
C GLN B 89 -6.19 -0.80 -5.29
N ASN B 90 -6.51 0.45 -4.99
CA ASN B 90 -5.58 1.40 -4.39
C ASN B 90 -5.29 1.10 -2.90
N TYR B 91 -6.10 0.27 -2.24
CA TYR B 91 -5.87 -0.11 -0.84
C TYR B 91 -4.71 -1.10 -0.67
N CYS B 92 -4.10 -1.07 0.51
CA CYS B 92 -3.23 -2.16 0.98
C CYS B 92 -3.08 -2.14 2.51
N PRO B 93 -3.28 -3.31 3.16
CA PRO B 93 -3.04 -3.35 4.62
C PRO B 93 -1.56 -3.15 4.98
N GLU B 94 -1.29 -2.55 6.15
CA GLU B 94 0.07 -2.41 6.68
C GLU B 94 0.48 -3.73 7.35
N HIS B 95 1.57 -4.35 6.87
CA HIS B 95 2.05 -5.65 7.35
C HIS B 95 3.44 -5.56 7.99
N ARG B 96 3.51 -5.84 9.30
CA ARG B 96 4.78 -6.01 10.03
C ARG B 96 4.68 -7.22 10.98
N TYR B 97 5.39 -8.30 10.63
CA TYR B 97 5.35 -9.60 11.33
C TYR B 97 3.99 -10.33 11.19
N GLY B 98 3.54 -10.49 9.94
CA GLY B 98 2.23 -11.11 9.66
C GLY B 98 1.08 -10.22 10.10
N SER B 99 0.65 -10.41 11.34
CA SER B 99 -0.40 -9.58 11.99
C SER B 99 0.13 -8.14 12.20
N THR B 100 -0.65 -7.09 11.92
CA THR B 100 -2.10 -7.10 11.63
C THR B 100 -2.44 -7.24 10.14
N PHE B 101 -3.61 -7.82 9.88
CA PHE B 101 -4.23 -7.88 8.56
C PHE B 101 -5.48 -6.98 8.62
N GLY B 102 -5.29 -5.68 8.33
CA GLY B 102 -6.31 -4.63 8.56
C GLY B 102 -7.33 -4.31 7.46
N ASN B 103 -8.32 -3.46 7.80
CA ASN B 103 -9.45 -3.13 6.92
C ASN B 103 -9.47 -1.66 6.45
N GLY B 104 -9.79 -1.46 5.18
CA GLY B 104 -10.09 -0.14 4.66
C GLY B 104 -11.48 0.30 5.06
N LEU B 105 -11.70 1.62 5.08
CA LEU B 105 -12.97 2.19 5.55
C LEU B 105 -13.69 2.99 4.45
N LEU B 106 -14.93 2.61 4.18
CA LEU B 106 -15.84 3.33 3.30
C LEU B 106 -17.10 3.69 4.05
N ILE B 107 -17.77 4.75 3.60
CA ILE B 107 -19.00 5.27 4.19
C ILE B 107 -20.01 5.58 3.08
N VAL B 108 -21.27 5.36 3.40
CA VAL B 108 -22.37 5.38 2.46
C VAL B 108 -23.59 5.92 3.21
N SER B 109 -24.50 6.57 2.48
CA SER B 109 -25.66 7.24 3.08
C SER B 109 -26.68 6.21 3.59
N PRO B 110 -27.42 6.55 4.67
CA PRO B 110 -28.50 5.71 5.16
C PRO B 110 -29.42 5.19 4.06
N ARG B 111 -29.86 6.07 3.18
CA ARG B 111 -30.81 5.67 2.14
C ARG B 111 -30.16 4.73 1.12
N PHE B 112 -28.92 5.02 0.74
CA PHE B 112 -28.21 4.16 -0.21
C PHE B 112 -28.11 2.76 0.35
N PHE B 113 -27.69 2.66 1.61
CA PHE B 113 -27.71 1.39 2.35
C PHE B 113 -29.08 0.72 2.33
N MET B 114 -30.11 1.47 2.72
CA MET B 114 -31.47 0.92 2.82
C MET B 114 -32.16 0.63 1.50
N ASP B 115 -31.56 1.04 0.38
CA ASP B 115 -32.00 0.59 -0.95
C ASP B 115 -31.14 -0.51 -1.58
N HIS B 116 -30.13 -1.00 -0.84
CA HIS B 116 -29.24 -2.06 -1.35
C HIS B 116 -28.86 -3.03 -0.25
N LEU B 117 -29.75 -3.30 0.71
CA LEU B 117 -29.39 -4.17 1.84
C LEU B 117 -28.91 -5.54 1.36
N ASP B 118 -29.65 -6.10 0.40
CA ASP B 118 -29.29 -7.35 -0.24
C ASP B 118 -27.86 -7.36 -0.82
N TRP B 119 -27.50 -6.32 -1.56
CA TRP B 119 -26.11 -6.18 -2.06
C TRP B 119 -25.06 -6.16 -0.96
N PHE B 120 -25.36 -5.42 0.11
CA PHE B 120 -24.47 -5.34 1.30
C PHE B 120 -24.27 -6.68 2.07
N GLN B 121 -25.28 -7.56 2.03
CA GLN B 121 -25.13 -8.93 2.57
C GLN B 121 -24.11 -9.74 1.77
N GLN B 122 -24.14 -9.58 0.44
CA GLN B 122 -23.21 -10.27 -0.44
C GLN B 122 -21.79 -9.73 -0.26
N TRP B 123 -21.67 -8.43 -0.02
CA TRP B 123 -20.37 -7.78 0.27
C TRP B 123 -19.63 -8.41 1.43
N LYS B 124 -20.36 -8.82 2.47
CA LYS B 124 -19.78 -9.38 3.69
C LYS B 124 -19.08 -10.70 3.43
N LEU B 125 -19.79 -11.62 2.77
CA LEU B 125 -19.29 -12.98 2.56
C LEU B 125 -18.32 -13.15 1.37
N VAL B 126 -17.83 -12.06 0.80
CA VAL B 126 -16.65 -12.09 -0.07
C VAL B 126 -15.46 -12.44 0.81
N SER B 127 -14.56 -13.29 0.32
CA SER B 127 -13.33 -13.67 1.06
C SER B 127 -12.10 -13.97 0.18
N SER B 128 -12.03 -13.37 -1.03
CA SER B 128 -10.80 -13.33 -1.84
C SER B 128 -10.75 -12.08 -2.68
N ASN B 129 -9.58 -11.82 -3.26
CA ASN B 129 -9.43 -10.72 -4.23
C ASN B 129 -10.16 -11.01 -5.55
N ASP B 130 -10.29 -12.28 -5.90
CA ASP B 130 -10.95 -12.68 -7.15
C ASP B 130 -12.46 -12.70 -6.97
N GLU B 131 -12.94 -13.13 -5.81
CA GLU B 131 -14.34 -12.93 -5.41
C GLU B 131 -14.72 -11.44 -5.38
N CYS B 132 -13.80 -10.60 -4.91
CA CYS B 132 -13.99 -9.16 -4.90
C CYS B 132 -14.05 -8.59 -6.32
N ARG B 133 -13.06 -8.95 -7.13
CA ARG B 133 -12.99 -8.62 -8.56
C ARG B 133 -14.30 -8.94 -9.30
N ALA B 134 -14.79 -10.15 -9.14
CA ALA B 134 -16.02 -10.61 -9.84
C ALA B 134 -17.28 -9.88 -9.35
N PHE B 135 -17.43 -9.80 -8.03
CA PHE B 135 -18.57 -9.16 -7.40
C PHE B 135 -18.71 -7.66 -7.77
N LEU B 136 -17.58 -6.96 -7.87
CA LEU B 136 -17.60 -5.53 -8.22
C LEU B 136 -17.72 -5.25 -9.73
N ARG B 137 -17.19 -6.15 -10.56
CA ARG B 137 -17.18 -5.93 -12.02
C ARG B 137 -18.42 -6.46 -12.76
N LYS B 138 -19.11 -7.41 -12.17
CA LYS B 138 -20.23 -8.07 -12.84
C LYS B 138 -21.50 -7.27 -12.65
N ARG B 139 -22.17 -6.94 -13.76
CA ARG B 139 -23.53 -6.37 -13.76
C ARG B 139 -24.42 -7.01 -12.68
N THR B 140 -24.82 -6.21 -11.69
CA THR B 140 -25.64 -6.67 -10.56
C THR B 140 -27.07 -6.89 -11.02
N GLN B 141 -27.65 -8.03 -10.62
CA GLN B 141 -29.07 -8.37 -10.84
C GLN B 141 -29.47 -8.41 -12.33
#